data_1DK4
#
_entry.id   1DK4
#
_cell.length_a   68.870
_cell.length_b   78.430
_cell.length_c   129.720
_cell.angle_alpha   90.00
_cell.angle_beta   90.00
_cell.angle_gamma   90.00
#
_symmetry.space_group_name_H-M   'P 21 21 21'
#
loop_
_entity.id
_entity.type
_entity.pdbx_description
1 polymer 'INOSITOL MONOPHOSPHATASE'
2 non-polymer 'ZINC ION'
3 non-polymer 'PHOSPHATE ION'
4 water water
#
_entity_poly.entity_id   1
_entity_poly.type   'polypeptide(L)'
_entity_poly.pdbx_seq_one_letter_code
;MKWDEIGKNIAKEIEKEILPYFGRKDKSYVVGTSPSGDETEIFDKISEDIALKYLKSLNVNIVSEELGVIDNSSEWTVVI
DPIDGSFNFINGIPFFAFCFGVFKNNEPYYGLTYEFLTKSFYEAYKGKGAYLNGRKIKVKDFNPNNIVISYYPSKKIDLE
KLRNKVKRVRIFGAFGLEMCYVAKGTLDAVFDVRPKVRAVDIASSYIICKEAGALITDENGDELKFDLNATDRLNIIVAN
SKEMLDIILDLL
;
_entity_poly.pdbx_strand_id   A,B
#
# COMPACT_ATOMS: atom_id res chain seq x y z
N MET A 1 -10.29 -3.10 -33.47
CA MET A 1 -10.70 -4.11 -32.51
C MET A 1 -11.40 -3.47 -31.32
N LYS A 2 -11.75 -4.28 -30.34
CA LYS A 2 -12.55 -3.83 -29.19
C LYS A 2 -11.73 -2.97 -28.24
N TRP A 3 -12.33 -1.91 -27.73
CA TRP A 3 -11.69 -1.00 -26.77
C TRP A 3 -10.98 -1.79 -25.68
N ASP A 4 -11.68 -2.82 -25.24
CA ASP A 4 -11.15 -3.85 -24.34
C ASP A 4 -9.76 -4.25 -24.82
N GLU A 5 -9.69 -4.98 -25.92
CA GLU A 5 -8.38 -5.44 -26.40
C GLU A 5 -7.45 -4.28 -26.68
N ILE A 6 -7.99 -3.08 -26.94
CA ILE A 6 -7.05 -1.99 -27.24
C ILE A 6 -6.36 -1.51 -25.97
N GLY A 7 -7.04 -1.59 -24.83
CA GLY A 7 -6.48 -1.14 -23.57
C GLY A 7 -5.51 -2.16 -22.98
N LYS A 8 -5.92 -3.43 -22.98
CA LYS A 8 -5.04 -4.44 -22.41
C LYS A 8 -3.71 -4.47 -23.15
N ASN A 9 -3.73 -4.19 -24.44
CA ASN A 9 -2.47 -4.16 -25.19
C ASN A 9 -1.58 -3.04 -24.65
N ILE A 10 -2.07 -1.82 -24.79
CA ILE A 10 -1.43 -0.61 -24.27
C ILE A 10 -0.91 -0.87 -22.86
N ALA A 11 -1.74 -1.50 -22.03
CA ALA A 11 -1.30 -1.85 -20.68
C ALA A 11 -0.02 -2.68 -20.78
N LYS A 12 -0.15 -3.92 -21.22
CA LYS A 12 0.95 -4.85 -21.39
C LYS A 12 2.17 -4.24 -22.03
N GLU A 13 2.06 -3.21 -22.86
CA GLU A 13 3.27 -2.59 -23.42
C GLU A 13 3.95 -1.70 -22.37
N ILE A 14 3.22 -0.75 -21.80
CA ILE A 14 3.64 0.05 -20.67
C ILE A 14 4.42 -0.80 -19.66
N GLU A 15 3.69 -1.77 -19.13
CA GLU A 15 4.16 -2.74 -18.17
C GLU A 15 5.50 -3.34 -18.58
N LYS A 16 5.70 -3.50 -19.89
CA LYS A 16 6.90 -4.09 -20.47
C LYS A 16 8.14 -3.23 -20.27
N GLU A 17 8.09 -2.03 -20.84
CA GLU A 17 9.23 -1.13 -20.82
C GLU A 17 9.42 -0.39 -19.51
N ILE A 18 8.56 -0.56 -18.50
CA ILE A 18 8.78 0.28 -17.33
C ILE A 18 8.79 -0.48 -16.02
N LEU A 19 8.31 -1.72 -16.01
CA LEU A 19 8.32 -2.39 -14.71
C LEU A 19 9.74 -2.59 -14.18
N PRO A 20 10.71 -3.03 -14.96
CA PRO A 20 12.12 -3.04 -14.53
C PRO A 20 12.52 -1.78 -13.77
N TYR A 21 12.07 -0.65 -14.26
CA TYR A 21 12.32 0.66 -13.66
C TYR A 21 11.78 0.75 -12.23
N PHE A 22 10.91 -0.16 -11.84
CA PHE A 22 10.15 -0.08 -10.61
C PHE A 22 11.02 0.06 -9.35
N GLY A 23 10.82 1.18 -8.68
CA GLY A 23 11.49 1.53 -7.44
C GLY A 23 12.80 2.26 -7.66
N ARG A 24 13.47 1.99 -8.78
CA ARG A 24 14.76 2.56 -9.13
C ARG A 24 14.68 4.07 -9.24
N LYS A 25 14.50 4.74 -8.12
CA LYS A 25 14.21 6.15 -7.97
C LYS A 25 15.36 7.05 -8.39
N ASP A 26 16.44 6.45 -8.86
CA ASP A 26 17.68 7.13 -9.22
C ASP A 26 17.84 7.29 -10.73
N LYS A 27 17.13 6.44 -11.48
CA LYS A 27 17.24 6.53 -12.93
C LYS A 27 16.11 7.41 -13.47
N SER A 28 15.45 8.06 -12.53
CA SER A 28 14.35 8.96 -12.87
C SER A 28 14.69 10.42 -12.60
N TYR A 29 14.06 11.32 -13.36
CA TYR A 29 14.27 12.75 -13.17
C TYR A 29 13.15 13.56 -13.82
N VAL A 30 13.06 14.85 -13.47
CA VAL A 30 11.96 15.62 -14.07
C VAL A 30 12.26 15.98 -15.51
N VAL A 31 11.23 15.87 -16.33
CA VAL A 31 11.34 16.06 -17.77
C VAL A 31 10.52 17.24 -18.24
N GLY A 32 9.44 17.51 -17.50
CA GLY A 32 8.60 18.64 -17.86
C GLY A 32 7.56 18.88 -16.79
N THR A 33 6.77 19.94 -16.95
CA THR A 33 5.71 20.18 -15.98
C THR A 33 4.35 20.13 -16.69
N SER A 34 3.57 19.11 -16.34
CA SER A 34 2.23 18.83 -16.83
C SER A 34 1.31 20.04 -16.77
N PRO A 35 0.27 20.04 -17.59
CA PRO A 35 -0.64 21.18 -17.67
C PRO A 35 -1.31 21.45 -16.32
N SER A 36 -1.49 20.36 -15.58
CA SER A 36 -2.17 20.37 -14.28
C SER A 36 -1.38 21.11 -13.22
N GLY A 37 -0.14 21.47 -13.57
CA GLY A 37 0.80 22.16 -12.72
C GLY A 37 1.96 21.25 -12.37
N ASP A 38 1.62 20.09 -11.82
CA ASP A 38 2.49 19.02 -11.40
C ASP A 38 3.72 18.87 -12.30
N GLU A 39 4.75 18.25 -11.74
CA GLU A 39 6.01 17.98 -12.41
C GLU A 39 6.00 16.61 -13.05
N THR A 40 6.23 16.54 -14.36
CA THR A 40 6.25 15.28 -15.07
C THR A 40 7.63 14.65 -15.06
N GLU A 41 7.70 13.39 -14.62
CA GLU A 41 8.95 12.64 -14.58
C GLU A 41 8.96 11.60 -15.69
N ILE A 42 10.15 11.16 -16.05
CA ILE A 42 10.42 10.51 -17.33
C ILE A 42 9.65 9.23 -17.56
N PHE A 43 9.47 8.37 -16.57
CA PHE A 43 8.79 7.08 -16.80
C PHE A 43 7.29 7.32 -17.02
N ASP A 44 6.82 8.47 -16.56
CA ASP A 44 5.47 8.90 -16.90
C ASP A 44 5.41 9.16 -18.41
N LYS A 45 6.28 10.06 -18.84
CA LYS A 45 6.40 10.38 -20.25
C LYS A 45 6.55 9.13 -21.11
N ILE A 46 7.47 8.23 -20.77
CA ILE A 46 7.69 7.11 -21.69
C ILE A 46 6.48 6.18 -21.71
N SER A 47 5.58 6.31 -20.74
CA SER A 47 4.37 5.49 -20.74
C SER A 47 3.31 6.11 -21.64
N GLU A 48 3.01 7.37 -21.35
CA GLU A 48 2.06 8.11 -22.17
C GLU A 48 2.53 8.04 -23.62
N ASP A 49 3.79 8.42 -23.80
CA ASP A 49 4.45 8.32 -25.10
C ASP A 49 4.24 6.94 -25.69
N ILE A 50 4.26 5.90 -24.85
CA ILE A 50 4.01 4.59 -25.42
C ILE A 50 2.53 4.45 -25.75
N ALA A 51 1.69 5.18 -25.03
CA ALA A 51 0.23 5.12 -25.19
C ALA A 51 -0.21 5.79 -26.48
N LEU A 52 0.26 7.00 -26.79
CA LEU A 52 -0.14 7.65 -28.02
C LEU A 52 0.31 6.89 -29.27
N LYS A 53 1.13 5.86 -29.15
CA LYS A 53 1.53 5.10 -30.34
C LYS A 53 0.37 4.22 -30.81
N TYR A 54 -0.73 4.20 -30.07
CA TYR A 54 -1.92 3.46 -30.49
C TYR A 54 -3.09 4.42 -30.69
N LEU A 55 -3.37 5.24 -29.70
CA LEU A 55 -4.50 6.15 -29.76
C LEU A 55 -4.32 7.22 -30.83
N LYS A 56 -3.08 7.40 -31.28
CA LYS A 56 -2.86 8.45 -32.27
C LYS A 56 -3.41 8.00 -33.62
N SER A 57 -3.31 6.70 -33.87
CA SER A 57 -3.72 6.10 -35.13
C SER A 57 -5.21 5.86 -35.21
N LEU A 58 -5.92 6.07 -34.10
CA LEU A 58 -7.36 5.84 -34.07
C LEU A 58 -8.13 7.14 -34.30
N ASN A 59 -7.38 8.22 -34.40
CA ASN A 59 -7.84 9.59 -34.47
C ASN A 59 -9.07 9.81 -33.59
N VAL A 60 -9.05 9.25 -32.39
CA VAL A 60 -10.08 9.56 -31.41
C VAL A 60 -9.62 10.72 -30.55
N ASN A 61 -10.50 11.30 -29.76
CA ASN A 61 -10.08 12.40 -28.88
C ASN A 61 -9.18 11.85 -27.78
N ILE A 62 -8.28 12.68 -27.25
CA ILE A 62 -7.33 12.24 -26.24
C ILE A 62 -7.22 13.17 -25.05
N VAL A 63 -6.92 12.64 -23.86
CA VAL A 63 -6.66 13.48 -22.70
C VAL A 63 -5.79 12.74 -21.69
N SER A 64 -4.58 13.24 -21.39
CA SER A 64 -3.79 12.59 -20.34
C SER A 64 -2.99 13.59 -19.51
N GLU A 65 -2.64 13.14 -18.31
CA GLU A 65 -1.96 13.79 -17.21
C GLU A 65 -0.90 14.77 -17.71
N GLU A 66 0.04 14.18 -18.46
CA GLU A 66 1.19 14.91 -18.96
C GLU A 66 0.90 15.78 -20.17
N LEU A 67 0.45 15.15 -21.26
CA LEU A 67 0.21 15.83 -22.52
C LEU A 67 -0.86 16.90 -22.45
N GLY A 68 -1.95 16.64 -21.71
CA GLY A 68 -3.01 17.64 -21.70
C GLY A 68 -4.22 17.14 -22.48
N VAL A 69 -4.46 17.73 -23.64
CA VAL A 69 -5.56 17.36 -24.50
C VAL A 69 -5.20 17.51 -25.99
N ILE A 70 -5.60 16.51 -26.76
CA ILE A 70 -5.49 16.53 -28.21
C ILE A 70 -6.88 16.34 -28.81
N ASP A 71 -7.48 17.43 -29.28
CA ASP A 71 -8.84 17.35 -29.79
C ASP A 71 -8.87 17.11 -31.31
N ASN A 72 -9.24 15.90 -31.67
CA ASN A 72 -9.41 15.51 -33.07
C ASN A 72 -10.84 15.71 -33.53
N SER A 73 -11.66 16.34 -32.67
CA SER A 73 -13.06 16.57 -32.98
C SER A 73 -13.77 15.26 -33.27
N SER A 74 -13.87 14.41 -32.25
CA SER A 74 -14.45 13.08 -32.44
C SER A 74 -15.58 12.78 -31.47
N GLU A 75 -16.37 11.77 -31.81
CA GLU A 75 -17.44 11.31 -30.93
C GLU A 75 -16.80 10.83 -29.62
N TRP A 76 -15.72 10.08 -29.82
CA TRP A 76 -14.97 9.40 -28.79
C TRP A 76 -13.79 10.19 -28.23
N THR A 77 -13.48 9.87 -26.98
CA THR A 77 -12.40 10.48 -26.21
C THR A 77 -11.76 9.47 -25.27
N VAL A 78 -10.50 9.12 -25.51
CA VAL A 78 -9.76 8.20 -24.66
C VAL A 78 -8.93 8.95 -23.62
N VAL A 79 -9.24 8.73 -22.35
CA VAL A 79 -8.55 9.44 -21.27
C VAL A 79 -7.51 8.57 -20.61
N ILE A 80 -6.24 8.98 -20.62
CA ILE A 80 -5.30 8.02 -20.02
C ILE A 80 -4.43 8.64 -18.93
N ASP A 81 -4.16 7.80 -17.94
CA ASP A 81 -3.17 8.00 -16.90
C ASP A 81 -2.06 6.96 -17.05
N PRO A 82 -0.92 7.38 -17.56
CA PRO A 82 0.16 6.43 -17.81
C PRO A 82 0.50 5.66 -16.54
N ILE A 83 0.52 6.38 -15.42
CA ILE A 83 0.80 5.73 -14.14
C ILE A 83 -0.09 6.29 -13.05
N ASP A 84 -0.77 5.41 -12.29
CA ASP A 84 -1.57 6.05 -11.25
C ASP A 84 -0.82 6.01 -9.93
N GLY A 85 -0.38 7.20 -9.54
CA GLY A 85 0.47 7.33 -8.35
C GLY A 85 1.89 6.95 -8.77
N SER A 86 2.50 7.85 -9.53
CA SER A 86 3.85 7.74 -10.01
C SER A 86 4.82 7.41 -8.87
N PHE A 87 4.93 8.39 -7.97
CA PHE A 87 5.67 8.37 -6.72
C PHE A 87 5.87 6.95 -6.20
N ASN A 88 4.77 6.34 -5.80
CA ASN A 88 4.74 4.99 -5.26
C ASN A 88 5.61 4.05 -6.08
N PHE A 89 5.52 4.22 -7.39
CA PHE A 89 6.28 3.40 -8.33
C PHE A 89 7.75 3.78 -8.32
N ILE A 90 7.99 5.08 -8.45
CA ILE A 90 9.36 5.58 -8.39
C ILE A 90 9.99 5.29 -7.04
N ASN A 91 9.16 5.07 -6.02
CA ASN A 91 9.73 4.80 -4.71
C ASN A 91 9.42 3.39 -4.22
N GLY A 92 9.39 2.43 -5.13
CA GLY A 92 9.14 1.04 -4.79
C GLY A 92 8.05 0.75 -3.80
N ILE A 93 6.90 1.38 -3.93
CA ILE A 93 5.72 1.07 -3.14
C ILE A 93 4.72 0.37 -4.05
N PRO A 94 4.39 -0.88 -3.78
CA PRO A 94 3.63 -1.66 -4.77
C PRO A 94 2.16 -1.29 -4.82
N PHE A 95 1.89 -0.04 -5.20
CA PHE A 95 0.55 0.50 -5.39
C PHE A 95 0.50 1.53 -6.51
N PHE A 96 0.51 1.10 -7.76
CA PHE A 96 0.30 2.04 -8.86
C PHE A 96 -0.56 1.34 -9.91
N ALA A 97 -1.00 2.02 -10.97
CA ALA A 97 -1.83 1.32 -11.95
C ALA A 97 -2.01 2.15 -13.21
N PHE A 98 -2.25 1.44 -14.32
CA PHE A 98 -2.57 2.10 -15.58
C PHE A 98 -4.07 2.39 -15.67
N CYS A 99 -4.43 3.65 -15.88
CA CYS A 99 -5.80 4.12 -16.00
C CYS A 99 -6.22 4.46 -17.43
N PHE A 100 -7.19 3.74 -17.96
CA PHE A 100 -7.66 3.91 -19.34
C PHE A 100 -9.17 4.03 -19.43
N GLY A 101 -9.68 5.24 -19.65
CA GLY A 101 -11.11 5.44 -19.72
C GLY A 101 -11.60 5.85 -21.09
N VAL A 102 -12.57 5.11 -21.64
CA VAL A 102 -13.08 5.45 -22.96
C VAL A 102 -14.47 6.06 -22.83
N PHE A 103 -14.69 7.14 -23.57
CA PHE A 103 -15.92 7.92 -23.47
C PHE A 103 -16.58 8.18 -24.82
N LYS A 104 -17.89 7.98 -24.86
CA LYS A 104 -18.68 8.24 -26.05
C LYS A 104 -19.63 9.41 -25.80
N ASN A 105 -19.38 10.50 -26.51
CA ASN A 105 -20.13 11.74 -26.35
C ASN A 105 -20.26 12.08 -24.87
N ASN A 106 -19.11 12.21 -24.23
CA ASN A 106 -18.96 12.45 -22.80
C ASN A 106 -19.74 11.44 -21.99
N GLU A 107 -19.89 10.23 -22.54
CA GLU A 107 -20.64 9.21 -21.82
C GLU A 107 -19.74 7.99 -21.61
N PRO A 108 -19.51 7.69 -20.34
CA PRO A 108 -18.77 6.51 -19.90
C PRO A 108 -19.15 5.29 -20.73
N TYR A 109 -18.22 4.81 -21.56
CA TYR A 109 -18.44 3.65 -22.41
C TYR A 109 -17.72 2.42 -21.83
N TYR A 110 -16.41 2.41 -21.97
CA TYR A 110 -15.58 1.33 -21.44
C TYR A 110 -14.55 1.90 -20.45
N GLY A 111 -14.10 1.06 -19.55
CA GLY A 111 -13.16 1.47 -18.51
C GLY A 111 -12.21 0.38 -18.07
N LEU A 112 -10.93 0.57 -18.38
CA LEU A 112 -9.91 -0.36 -17.93
C LEU A 112 -9.05 0.28 -16.85
N THR A 113 -8.59 -0.56 -15.93
CA THR A 113 -7.71 -0.13 -14.86
C THR A 113 -6.80 -1.29 -14.44
N TYR A 114 -5.51 -1.13 -14.73
CA TYR A 114 -4.56 -2.22 -14.57
C TYR A 114 -3.59 -2.01 -13.41
N GLU A 115 -3.58 -3.02 -12.55
CA GLU A 115 -2.65 -3.06 -11.43
C GLU A 115 -1.47 -3.98 -11.79
N PHE A 116 -0.39 -3.39 -12.26
CA PHE A 116 0.81 -4.09 -12.70
C PHE A 116 1.21 -5.23 -11.78
N LEU A 117 1.68 -4.92 -10.58
CA LEU A 117 2.27 -5.95 -9.73
C LEU A 117 1.36 -7.14 -9.45
N THR A 118 0.05 -6.94 -9.42
CA THR A 118 -0.84 -8.06 -9.14
C THR A 118 -1.33 -8.74 -10.41
N LYS A 119 -1.02 -8.16 -11.57
CA LYS A 119 -1.43 -8.75 -12.85
C LYS A 119 -2.94 -8.77 -12.99
N SER A 120 -3.59 -7.72 -12.50
CA SER A 120 -5.03 -7.60 -12.40
C SER A 120 -5.65 -6.50 -13.25
N PHE A 121 -6.62 -6.94 -14.03
CA PHE A 121 -7.46 -6.12 -14.87
C PHE A 121 -8.81 -5.85 -14.21
N TYR A 122 -9.07 -4.57 -14.00
CA TYR A 122 -10.35 -4.02 -13.59
C TYR A 122 -11.04 -3.44 -14.83
N GLU A 123 -11.93 -4.20 -15.46
CA GLU A 123 -12.58 -3.70 -16.67
C GLU A 123 -14.11 -3.77 -16.58
N ALA A 124 -14.72 -2.70 -17.08
CA ALA A 124 -16.17 -2.60 -16.96
C ALA A 124 -16.76 -1.74 -18.07
N TYR A 125 -17.73 -2.31 -18.78
CA TYR A 125 -18.43 -1.58 -19.84
C TYR A 125 -19.69 -0.93 -19.29
N LYS A 126 -20.04 0.27 -19.77
CA LYS A 126 -21.30 0.83 -19.27
C LYS A 126 -22.43 -0.10 -19.69
N GLY A 127 -23.24 -0.53 -18.73
CA GLY A 127 -24.36 -1.42 -18.92
C GLY A 127 -24.09 -2.88 -18.64
N LYS A 128 -22.83 -3.31 -18.68
CA LYS A 128 -22.57 -4.75 -18.59
C LYS A 128 -21.93 -5.19 -17.29
N GLY A 129 -21.77 -4.30 -16.31
CA GLY A 129 -21.20 -4.75 -15.05
C GLY A 129 -19.70 -4.62 -14.99
N ALA A 130 -19.12 -4.97 -13.84
CA ALA A 130 -17.70 -4.81 -13.57
C ALA A 130 -16.98 -6.13 -13.34
N TYR A 131 -15.80 -6.30 -13.93
CA TYR A 131 -15.05 -7.54 -13.78
C TYR A 131 -13.60 -7.32 -13.37
N LEU A 132 -13.08 -8.31 -12.68
CA LEU A 132 -11.72 -8.43 -12.18
C LEU A 132 -11.10 -9.64 -12.84
N ASN A 133 -10.43 -9.47 -13.98
CA ASN A 133 -9.88 -10.64 -14.65
C ASN A 133 -10.97 -11.62 -15.06
N GLY A 134 -12.20 -11.11 -15.21
CA GLY A 134 -13.30 -11.93 -15.67
C GLY A 134 -14.33 -12.30 -14.62
N ARG A 135 -14.09 -11.97 -13.34
CA ARG A 135 -15.09 -12.31 -12.34
C ARG A 135 -15.87 -11.06 -11.96
N LYS A 136 -17.19 -11.19 -11.90
CA LYS A 136 -18.07 -10.06 -11.60
C LYS A 136 -17.80 -9.51 -10.22
N ILE A 137 -17.78 -8.19 -10.06
CA ILE A 137 -17.48 -7.66 -8.74
C ILE A 137 -18.43 -6.52 -8.36
N LYS A 138 -18.82 -6.49 -7.09
CA LYS A 138 -19.67 -5.39 -6.60
C LYS A 138 -19.20 -4.95 -5.22
N VAL A 139 -19.59 -3.76 -4.81
CA VAL A 139 -19.25 -3.18 -3.52
C VAL A 139 -19.37 -4.16 -2.35
N LYS A 140 -19.02 -3.66 -1.16
CA LYS A 140 -19.05 -4.49 0.04
C LYS A 140 -20.32 -4.23 0.85
N ASP A 141 -20.97 -5.30 1.29
CA ASP A 141 -22.16 -5.16 2.12
C ASP A 141 -21.79 -4.37 3.38
N PHE A 142 -22.21 -3.12 3.45
CA PHE A 142 -21.87 -2.20 4.52
C PHE A 142 -22.04 -2.79 5.92
N ASN A 143 -21.30 -2.23 6.87
CA ASN A 143 -21.38 -2.63 8.27
C ASN A 143 -20.62 -1.62 9.13
N PRO A 144 -21.32 -0.96 10.05
CA PRO A 144 -20.72 0.12 10.84
C PRO A 144 -19.53 -0.36 11.68
N ASN A 145 -19.65 -1.56 12.21
CA ASN A 145 -18.62 -2.12 13.08
C ASN A 145 -17.59 -2.94 12.30
N ASN A 146 -16.95 -2.32 11.32
CA ASN A 146 -15.92 -2.99 10.54
C ASN A 146 -15.48 -2.16 9.33
N ILE A 147 -16.04 -0.97 9.19
CA ILE A 147 -15.73 -0.14 8.03
C ILE A 147 -14.23 0.13 7.91
N VAL A 148 -13.75 0.00 6.69
CA VAL A 148 -12.35 0.23 6.36
C VAL A 148 -12.23 1.28 5.26
N ILE A 149 -11.62 2.42 5.56
CA ILE A 149 -11.50 3.46 4.55
C ILE A 149 -10.05 3.92 4.36
N SER A 150 -9.93 4.77 3.35
CA SER A 150 -8.84 5.60 2.90
C SER A 150 -9.32 7.05 2.73
N TYR A 151 -8.42 8.02 2.69
CA TYR A 151 -8.88 9.40 2.58
C TYR A 151 -7.74 10.40 2.53
N TYR A 152 -8.01 11.53 1.88
CA TYR A 152 -7.06 12.62 1.76
C TYR A 152 -7.76 13.94 2.00
N PRO A 153 -8.14 14.19 3.25
CA PRO A 153 -9.00 15.32 3.58
C PRO A 153 -8.25 16.66 3.64
N SER A 154 -9.03 17.66 4.03
CA SER A 154 -8.59 19.04 4.13
C SER A 154 -8.12 19.35 5.53
N LYS A 155 -7.91 20.63 5.81
CA LYS A 155 -7.58 21.09 7.15
C LYS A 155 -8.87 21.40 7.91
N LYS A 156 -9.97 20.87 7.39
CA LYS A 156 -11.31 21.09 7.89
C LYS A 156 -12.10 19.79 8.03
N ILE A 157 -11.46 18.75 8.54
CA ILE A 157 -12.12 17.47 8.78
C ILE A 157 -11.68 16.90 10.14
N ASP A 158 -12.63 16.81 11.07
CA ASP A 158 -12.32 16.34 12.42
C ASP A 158 -11.75 14.93 12.39
N LEU A 159 -10.46 14.83 12.10
CA LEU A 159 -9.72 13.59 12.01
C LEU A 159 -10.09 12.62 13.11
N GLU A 160 -9.99 13.09 14.35
CA GLU A 160 -10.29 12.27 15.52
C GLU A 160 -11.66 11.60 15.38
N LYS A 161 -12.59 12.36 14.81
CA LYS A 161 -13.95 11.90 14.58
C LYS A 161 -13.95 10.62 13.73
N LEU A 162 -13.67 10.79 12.45
CA LEU A 162 -13.54 9.75 11.45
C LEU A 162 -12.84 8.52 12.04
N ARG A 163 -11.74 8.77 12.74
CA ARG A 163 -10.94 7.68 13.30
C ARG A 163 -11.66 7.01 14.46
N ASN A 164 -12.69 7.68 14.96
CA ASN A 164 -13.52 7.15 16.04
C ASN A 164 -14.74 6.43 15.46
N LYS A 165 -14.99 6.70 14.19
CA LYS A 165 -16.08 6.09 13.45
C LYS A 165 -15.57 4.93 12.59
N VAL A 166 -14.47 5.19 11.90
CA VAL A 166 -13.83 4.22 11.01
C VAL A 166 -13.01 3.21 11.79
N LYS A 167 -13.16 1.92 11.50
CA LYS A 167 -12.44 0.91 12.28
C LYS A 167 -11.13 0.47 11.64
N ARG A 168 -10.70 1.13 10.57
CA ARG A 168 -9.44 0.75 9.95
C ARG A 168 -9.00 1.72 8.87
N VAL A 169 -7.90 2.44 9.11
CA VAL A 169 -7.38 3.33 8.06
C VAL A 169 -6.44 2.55 7.14
N ARG A 170 -6.38 2.96 5.88
CA ARG A 170 -5.45 2.44 4.89
C ARG A 170 -5.27 3.44 3.76
N ILE A 171 -4.46 4.47 3.98
CA ILE A 171 -4.12 5.44 2.93
C ILE A 171 -3.13 4.84 1.94
N PHE A 172 -3.22 5.15 0.65
CA PHE A 172 -2.37 4.41 -0.29
C PHE A 172 -1.55 5.26 -1.24
N GLY A 173 -2.13 6.21 -1.97
CA GLY A 173 -1.31 7.05 -2.81
C GLY A 173 -1.58 6.93 -4.29
N ALA A 174 -2.75 6.39 -4.63
CA ALA A 174 -3.23 6.29 -6.01
C ALA A 174 -4.75 6.16 -5.99
N PHE A 175 -5.43 7.31 -6.06
CA PHE A 175 -6.88 7.36 -5.98
C PHE A 175 -7.53 6.35 -6.94
N GLY A 176 -7.32 6.57 -8.22
CA GLY A 176 -7.75 5.70 -9.30
C GLY A 176 -7.73 4.24 -8.91
N LEU A 177 -6.58 3.71 -8.50
CA LEU A 177 -6.55 2.29 -8.14
C LEU A 177 -7.25 2.04 -6.80
N GLU A 178 -7.41 3.10 -6.02
CA GLU A 178 -8.08 2.95 -4.73
C GLU A 178 -9.58 2.76 -4.90
N MET A 179 -10.16 3.61 -5.75
CA MET A 179 -11.53 3.47 -6.20
C MET A 179 -11.80 2.00 -6.54
N CYS A 180 -10.95 1.42 -7.38
CA CYS A 180 -11.04 0.02 -7.73
C CYS A 180 -10.95 -0.90 -6.52
N TYR A 181 -10.43 -0.39 -5.40
CA TYR A 181 -10.34 -1.23 -4.20
C TYR A 181 -11.68 -1.20 -3.49
N VAL A 182 -12.53 -0.32 -4.01
CA VAL A 182 -13.90 -0.14 -3.59
C VAL A 182 -14.86 -0.95 -4.46
N ALA A 183 -14.65 -0.92 -5.77
CA ALA A 183 -15.51 -1.67 -6.69
C ALA A 183 -15.44 -3.15 -6.38
N LYS A 184 -14.27 -3.63 -5.97
CA LYS A 184 -14.11 -5.06 -5.75
C LYS A 184 -14.35 -5.43 -4.28
N GLY A 185 -14.70 -4.45 -3.47
CA GLY A 185 -15.10 -4.72 -2.11
C GLY A 185 -13.98 -5.11 -1.17
N THR A 186 -13.15 -4.13 -0.84
CA THR A 186 -12.05 -4.24 0.12
C THR A 186 -12.07 -3.04 1.07
N LEU A 187 -12.65 -1.95 0.57
CA LEU A 187 -12.84 -0.71 1.28
C LEU A 187 -14.29 -0.24 1.26
N ASP A 188 -14.84 0.13 2.41
CA ASP A 188 -16.17 0.73 2.37
C ASP A 188 -16.11 2.07 1.65
N ALA A 189 -14.92 2.67 1.58
CA ALA A 189 -14.89 4.00 0.96
C ALA A 189 -13.48 4.54 0.73
N VAL A 190 -13.43 5.61 -0.04
CA VAL A 190 -12.30 6.44 -0.41
C VAL A 190 -12.74 7.81 -0.94
N PHE A 191 -12.44 8.89 -0.22
CA PHE A 191 -12.82 10.20 -0.73
C PHE A 191 -11.59 11.08 -0.95
N ASP A 192 -11.84 12.39 -1.04
CA ASP A 192 -10.77 13.33 -1.32
C ASP A 192 -11.33 14.75 -1.48
N VAL A 193 -11.46 15.41 -0.34
CA VAL A 193 -12.01 16.74 -0.18
C VAL A 193 -10.89 17.78 -0.24
N ARG A 194 -9.68 17.26 -0.43
CA ARG A 194 -8.58 18.15 -0.79
C ARG A 194 -8.54 18.19 -2.32
N PRO A 195 -9.13 19.22 -2.91
CA PRO A 195 -9.18 19.32 -4.37
C PRO A 195 -7.76 19.20 -4.96
N LYS A 196 -7.40 17.97 -5.27
CA LYS A 196 -6.12 17.62 -5.89
C LYS A 196 -6.34 16.59 -6.99
N VAL A 197 -7.11 15.56 -6.70
CA VAL A 197 -7.40 14.54 -7.72
C VAL A 197 -7.98 15.17 -8.98
N ARG A 198 -7.58 14.67 -10.14
CA ARG A 198 -8.09 15.23 -11.39
C ARG A 198 -8.98 14.24 -12.13
N ALA A 199 -9.45 14.71 -13.28
CA ALA A 199 -10.24 13.90 -14.19
C ALA A 199 -9.52 12.58 -14.47
N VAL A 200 -8.40 12.70 -15.19
CA VAL A 200 -7.59 11.59 -15.63
C VAL A 200 -7.41 10.51 -14.58
N ASP A 201 -7.31 10.91 -13.32
CA ASP A 201 -7.03 9.97 -12.24
C ASP A 201 -8.16 8.98 -11.99
N ILE A 202 -9.40 9.46 -12.00
CA ILE A 202 -10.57 8.68 -11.62
C ILE A 202 -11.35 8.09 -12.79
N ALA A 203 -11.36 8.78 -13.91
CA ALA A 203 -12.07 8.51 -15.14
C ALA A 203 -12.34 7.03 -15.37
N SER A 204 -11.30 6.29 -15.73
CA SER A 204 -11.46 4.87 -15.98
C SER A 204 -12.10 4.16 -14.80
N SER A 205 -11.78 4.56 -13.56
CA SER A 205 -12.38 3.80 -12.46
C SER A 205 -13.77 4.33 -12.14
N TYR A 206 -14.00 5.60 -12.47
CA TYR A 206 -15.29 6.25 -12.34
C TYR A 206 -16.40 5.35 -12.88
N ILE A 207 -16.17 4.85 -14.09
CA ILE A 207 -16.98 3.85 -14.76
C ILE A 207 -17.09 2.60 -13.87
N ILE A 208 -16.17 1.67 -14.04
CA ILE A 208 -15.96 0.41 -13.35
C ILE A 208 -16.66 0.40 -11.99
N CYS A 209 -16.24 1.36 -11.16
CA CYS A 209 -16.84 1.59 -9.86
C CYS A 209 -18.37 1.57 -9.96
N LYS A 210 -18.89 2.52 -10.72
CA LYS A 210 -20.33 2.68 -10.91
C LYS A 210 -21.03 1.36 -11.23
N GLU A 211 -20.42 0.55 -12.09
CA GLU A 211 -21.06 -0.70 -12.49
C GLU A 211 -21.00 -1.75 -11.38
N ALA A 212 -20.42 -1.39 -10.23
CA ALA A 212 -20.31 -2.43 -9.20
C ALA A 212 -20.93 -1.92 -7.90
N GLY A 213 -21.66 -0.82 -8.03
CA GLY A 213 -22.47 -0.25 -6.98
C GLY A 213 -21.99 1.06 -6.42
N ALA A 214 -20.89 1.60 -6.96
CA ALA A 214 -20.28 2.77 -6.36
C ALA A 214 -21.24 3.94 -6.23
N LEU A 215 -21.07 4.71 -5.15
CA LEU A 215 -21.84 5.95 -5.04
C LEU A 215 -20.92 7.14 -5.26
N ILE A 216 -20.19 7.23 -6.43
CA ILE A 216 -19.34 8.41 -6.69
C ILE A 216 -20.14 9.69 -6.42
N THR A 217 -19.88 10.24 -5.24
CA THR A 217 -20.58 11.45 -4.73
C THR A 217 -19.61 12.65 -4.67
N ASP A 218 -20.14 13.83 -5.05
CA ASP A 218 -19.37 15.09 -5.07
C ASP A 218 -19.27 15.67 -3.63
N GLU A 219 -18.58 16.83 -3.48
CA GLU A 219 -18.29 17.44 -2.14
C GLU A 219 -19.54 17.58 -1.27
N ASN A 220 -20.62 18.06 -1.86
CA ASN A 220 -21.89 18.18 -1.14
C ASN A 220 -22.39 16.78 -0.79
N GLY A 221 -23.27 16.31 -1.66
CA GLY A 221 -23.87 14.98 -1.54
C GLY A 221 -24.29 14.46 -2.91
N ASP A 222 -24.26 15.37 -3.88
CA ASP A 222 -24.75 15.08 -5.22
C ASP A 222 -23.83 14.14 -5.98
N GLU A 223 -24.42 13.37 -6.89
CA GLU A 223 -23.67 12.48 -7.76
C GLU A 223 -22.51 13.23 -8.41
N LEU A 224 -21.28 12.80 -8.09
CA LEU A 224 -20.13 13.49 -8.66
C LEU A 224 -20.18 13.50 -10.18
N LYS A 225 -20.47 14.67 -10.73
CA LYS A 225 -20.38 14.86 -12.17
C LYS A 225 -19.04 15.55 -12.48
N PHE A 226 -18.40 15.23 -13.60
CA PHE A 226 -17.16 15.89 -13.94
C PHE A 226 -17.00 16.08 -15.45
N ASP A 227 -15.98 16.85 -15.77
CA ASP A 227 -15.54 17.24 -17.10
C ASP A 227 -14.45 16.31 -17.63
N LEU A 228 -13.87 16.65 -18.78
CA LEU A 228 -12.84 15.78 -19.35
C LEU A 228 -11.63 16.58 -19.80
N ASN A 229 -11.06 17.37 -18.89
CA ASN A 229 -9.83 18.07 -19.25
C ASN A 229 -8.64 17.43 -18.52
N ALA A 230 -7.46 17.95 -18.85
CA ALA A 230 -6.23 17.53 -18.18
C ALA A 230 -6.03 18.35 -16.91
N THR A 231 -6.70 19.49 -16.86
CA THR A 231 -6.64 20.43 -15.75
C THR A 231 -7.77 20.14 -14.76
N ASP A 232 -8.16 21.13 -13.97
CA ASP A 232 -9.33 21.04 -13.12
C ASP A 232 -9.25 20.02 -11.99
N ARG A 233 -8.87 20.48 -10.80
CA ARG A 233 -8.89 19.51 -9.69
C ARG A 233 -10.33 19.26 -9.31
N LEU A 234 -10.62 18.40 -8.32
CA LEU A 234 -12.02 18.21 -7.96
C LEU A 234 -12.19 17.34 -6.72
N ASN A 235 -13.27 17.58 -5.98
CA ASN A 235 -13.66 16.77 -4.84
C ASN A 235 -14.25 15.45 -5.31
N ILE A 236 -14.62 14.54 -4.41
CA ILE A 236 -15.08 13.21 -4.80
C ILE A 236 -15.21 12.27 -3.62
N ILE A 237 -16.28 11.48 -3.54
CA ILE A 237 -16.48 10.61 -2.39
C ILE A 237 -16.91 9.19 -2.75
N VAL A 238 -16.10 8.40 -3.44
CA VAL A 238 -16.54 7.04 -3.79
C VAL A 238 -16.88 6.20 -2.56
N ALA A 239 -18.17 6.00 -2.33
CA ALA A 239 -18.71 5.23 -1.23
C ALA A 239 -19.39 3.93 -1.67
N ASN A 240 -19.46 2.98 -0.76
CA ASN A 240 -19.95 1.64 -1.06
C ASN A 240 -21.42 1.46 -0.67
N SER A 241 -22.03 2.55 -0.22
CA SER A 241 -23.37 2.51 0.36
C SER A 241 -23.88 3.90 0.70
N LYS A 242 -25.18 4.00 0.97
CA LYS A 242 -25.79 5.29 1.26
C LYS A 242 -25.59 5.75 2.70
N GLU A 243 -25.02 4.93 3.57
CA GLU A 243 -24.70 5.40 4.91
C GLU A 243 -23.23 5.85 4.97
N MET A 244 -22.36 4.98 4.46
CA MET A 244 -20.94 5.24 4.42
C MET A 244 -20.65 6.61 3.82
N LEU A 245 -21.47 7.01 2.84
CA LEU A 245 -21.41 8.36 2.28
C LEU A 245 -21.68 9.37 3.39
N ASP A 246 -22.81 9.15 4.05
CA ASP A 246 -23.29 10.04 5.10
C ASP A 246 -22.19 10.37 6.10
N ILE A 247 -21.60 9.33 6.67
CA ILE A 247 -20.52 9.45 7.64
C ILE A 247 -19.47 10.45 7.17
N ILE A 248 -19.09 10.34 5.90
CA ILE A 248 -18.18 11.28 5.27
C ILE A 248 -18.82 12.67 5.24
N LEU A 249 -20.12 12.67 5.00
CA LEU A 249 -20.91 13.88 4.93
C LEU A 249 -20.96 14.59 6.27
N ASP A 250 -21.00 13.80 7.35
CA ASP A 250 -21.00 14.35 8.69
C ASP A 250 -19.60 14.84 9.06
N LEU A 251 -18.60 14.08 8.64
CA LEU A 251 -17.22 14.48 8.85
C LEU A 251 -16.92 15.75 8.04
N LEU A 252 -17.36 15.72 6.79
CA LEU A 252 -17.16 16.79 5.82
C LEU A 252 -17.63 18.15 6.35
N MET B 1 23.94 -24.68 6.05
CA MET B 1 23.41 -23.41 5.57
C MET B 1 23.60 -22.28 6.57
N LYS B 2 23.99 -21.10 6.06
CA LYS B 2 24.08 -19.93 6.95
C LYS B 2 22.69 -19.60 7.48
N TRP B 3 22.52 -18.49 8.21
CA TRP B 3 21.15 -18.25 8.66
C TRP B 3 20.30 -17.78 7.48
N ASP B 4 20.78 -16.74 6.80
CA ASP B 4 20.11 -16.19 5.64
C ASP B 4 19.78 -17.27 4.60
N GLU B 5 20.52 -18.37 4.55
CA GLU B 5 20.14 -19.41 3.59
C GLU B 5 18.88 -20.11 4.07
N ILE B 6 18.72 -20.17 5.38
CA ILE B 6 17.52 -20.79 5.94
C ILE B 6 16.32 -19.87 5.74
N GLY B 7 16.52 -18.63 6.18
CA GLY B 7 15.51 -17.59 6.09
C GLY B 7 14.93 -17.59 4.68
N LYS B 8 15.74 -17.16 3.74
CA LYS B 8 15.37 -17.12 2.33
C LYS B 8 14.76 -18.43 1.87
N ASN B 9 15.16 -19.57 2.42
CA ASN B 9 14.52 -20.81 1.96
C ASN B 9 13.10 -20.96 2.50
N ILE B 10 12.93 -20.80 3.81
CA ILE B 10 11.64 -20.93 4.47
C ILE B 10 10.57 -20.07 3.79
N ALA B 11 11.00 -18.95 3.23
CA ALA B 11 10.09 -18.03 2.54
C ALA B 11 9.59 -18.61 1.22
N LYS B 12 10.49 -19.07 0.36
CA LYS B 12 10.05 -19.63 -0.91
C LYS B 12 9.08 -20.78 -0.72
N GLU B 13 9.20 -21.46 0.42
CA GLU B 13 8.22 -22.50 0.77
C GLU B 13 6.85 -21.86 0.96
N ILE B 14 6.83 -20.98 1.95
CA ILE B 14 5.66 -20.19 2.30
C ILE B 14 5.00 -19.59 1.06
N GLU B 15 5.81 -18.99 0.19
CA GLU B 15 5.32 -18.38 -1.03
C GLU B 15 4.42 -19.34 -1.80
N LYS B 16 4.98 -20.48 -2.19
CA LYS B 16 4.21 -21.42 -3.01
C LYS B 16 2.95 -21.91 -2.30
N GLU B 17 2.85 -21.76 -0.99
CA GLU B 17 1.69 -22.28 -0.26
C GLU B 17 0.62 -21.24 0.00
N ILE B 18 0.97 -19.96 0.16
CA ILE B 18 -0.09 -19.03 0.58
C ILE B 18 -0.38 -17.96 -0.45
N LEU B 19 0.46 -17.86 -1.48
CA LEU B 19 0.17 -16.90 -2.55
C LEU B 19 -1.21 -17.16 -3.11
N PRO B 20 -1.57 -18.37 -3.49
CA PRO B 20 -2.96 -18.65 -3.86
C PRO B 20 -3.86 -18.78 -2.63
N TYR B 21 -4.19 -17.64 -2.07
CA TYR B 21 -4.89 -17.36 -0.83
C TYR B 21 -5.02 -15.83 -0.76
N PHE B 22 -4.07 -15.24 -1.49
CA PHE B 22 -4.03 -13.78 -1.54
C PHE B 22 -5.38 -13.28 -2.03
N GLY B 23 -6.14 -12.65 -1.14
CA GLY B 23 -7.45 -12.13 -1.49
C GLY B 23 -8.53 -13.20 -1.45
N ARG B 24 -8.16 -14.47 -1.48
CA ARG B 24 -9.19 -15.50 -1.44
C ARG B 24 -9.89 -15.55 -0.08
N LYS B 25 -10.61 -14.51 0.26
CA LYS B 25 -11.40 -14.28 1.45
C LYS B 25 -12.34 -15.42 1.82
N ASP B 26 -12.77 -16.19 0.83
CA ASP B 26 -13.71 -17.29 0.99
C ASP B 26 -13.06 -18.60 1.38
N LYS B 27 -11.73 -18.62 1.30
CA LYS B 27 -10.91 -19.81 1.46
C LYS B 27 -10.27 -19.92 2.82
N SER B 28 -10.58 -19.05 3.78
CA SER B 28 -9.80 -19.20 5.02
C SER B 28 -10.66 -19.11 6.28
N TYR B 29 -10.40 -20.04 7.21
CA TYR B 29 -11.08 -20.02 8.49
C TYR B 29 -10.13 -19.85 9.66
N VAL B 30 -10.56 -19.09 10.66
CA VAL B 30 -9.89 -19.06 11.97
C VAL B 30 -9.61 -20.48 12.44
N VAL B 31 -8.56 -20.69 13.22
CA VAL B 31 -8.24 -22.00 13.77
C VAL B 31 -7.96 -21.90 15.26
N GLY B 32 -7.68 -20.68 15.72
CA GLY B 32 -7.38 -20.46 17.12
C GLY B 32 -7.15 -18.99 17.47
N THR B 33 -6.60 -18.77 18.65
CA THR B 33 -6.33 -17.43 19.16
C THR B 33 -4.88 -17.28 19.63
N SER B 34 -4.09 -16.43 18.97
CA SER B 34 -2.69 -16.31 19.38
C SER B 34 -2.55 -15.53 20.69
N PRO B 35 -1.49 -15.85 21.40
CA PRO B 35 -1.12 -15.21 22.67
C PRO B 35 -1.41 -13.72 22.72
N SER B 36 -1.15 -12.99 21.63
CA SER B 36 -1.32 -11.55 21.71
C SER B 36 -2.79 -11.14 21.63
N GLY B 37 -3.68 -12.13 21.58
CA GLY B 37 -5.10 -11.89 21.50
C GLY B 37 -5.63 -11.93 20.07
N ASP B 38 -4.76 -11.70 19.10
CA ASP B 38 -5.12 -11.76 17.68
C ASP B 38 -5.71 -13.10 17.33
N GLU B 39 -6.33 -13.19 16.15
CA GLU B 39 -6.92 -14.44 15.69
C GLU B 39 -6.01 -15.12 14.66
N THR B 40 -5.80 -16.43 14.78
CA THR B 40 -4.93 -17.04 13.76
C THR B 40 -5.72 -17.60 12.60
N GLU B 41 -5.66 -16.94 11.45
CA GLU B 41 -6.32 -17.52 10.27
C GLU B 41 -5.49 -18.71 9.79
N ILE B 42 -6.07 -19.55 8.93
CA ILE B 42 -5.33 -20.71 8.46
C ILE B 42 -4.16 -20.33 7.57
N PHE B 43 -4.30 -19.25 6.79
CA PHE B 43 -3.14 -18.86 5.97
C PHE B 43 -1.98 -18.52 6.91
N ASP B 44 -2.36 -17.94 8.04
CA ASP B 44 -1.45 -17.73 9.16
C ASP B 44 -0.83 -19.06 9.61
N LYS B 45 -1.66 -19.94 10.16
CA LYS B 45 -1.16 -21.16 10.78
C LYS B 45 -0.30 -21.96 9.80
N ILE B 46 -0.90 -22.28 8.66
CA ILE B 46 -0.26 -23.05 7.61
C ILE B 46 1.15 -22.53 7.33
N SER B 47 1.31 -21.22 7.23
CA SER B 47 2.67 -20.73 6.95
C SER B 47 3.53 -20.85 8.20
N GLU B 48 2.92 -20.66 9.37
CA GLU B 48 3.70 -20.78 10.60
C GLU B 48 4.35 -22.15 10.70
N ASP B 49 3.54 -23.17 10.53
CA ASP B 49 4.01 -24.55 10.49
C ASP B 49 5.24 -24.67 9.59
N ILE B 50 5.15 -24.13 8.37
CA ILE B 50 6.23 -24.30 7.41
C ILE B 50 7.56 -23.80 7.98
N ALA B 51 7.46 -22.80 8.84
CA ALA B 51 8.62 -22.28 9.57
C ALA B 51 9.09 -23.33 10.57
N LEU B 52 8.18 -23.79 11.42
CA LEU B 52 8.57 -24.79 12.41
C LEU B 52 9.09 -26.05 11.76
N LYS B 53 8.77 -26.31 10.49
CA LYS B 53 9.22 -27.54 9.86
C LYS B 53 10.73 -27.55 9.65
N TYR B 54 11.34 -26.37 9.57
CA TYR B 54 12.78 -26.30 9.37
C TYR B 54 13.50 -26.17 10.71
N LEU B 55 13.11 -25.17 11.47
CA LEU B 55 13.69 -24.80 12.75
C LEU B 55 13.51 -25.86 13.83
N LYS B 56 12.63 -26.84 13.65
CA LYS B 56 12.45 -27.83 14.72
C LYS B 56 13.59 -28.84 14.73
N SER B 57 14.07 -29.15 13.53
CA SER B 57 15.23 -30.02 13.43
C SER B 57 16.37 -29.48 14.27
N LEU B 58 16.50 -28.14 14.27
CA LEU B 58 17.52 -27.43 15.00
C LEU B 58 17.10 -27.18 16.45
N ASN B 59 18.08 -27.20 17.35
CA ASN B 59 17.78 -27.03 18.77
C ASN B 59 18.02 -25.58 19.18
N VAL B 60 17.03 -24.76 18.84
CA VAL B 60 17.07 -23.35 19.21
C VAL B 60 15.71 -22.88 19.71
N ASN B 61 15.65 -21.58 20.01
CA ASN B 61 14.40 -21.01 20.48
C ASN B 61 13.49 -20.64 19.33
N ILE B 62 12.19 -20.80 19.53
CA ILE B 62 11.28 -20.33 18.48
C ILE B 62 10.22 -19.42 19.08
N VAL B 63 10.15 -18.21 18.55
CA VAL B 63 9.17 -17.21 18.96
C VAL B 63 8.35 -16.73 17.76
N SER B 64 7.22 -17.37 17.52
CA SER B 64 6.35 -16.99 16.41
C SER B 64 4.92 -16.72 16.90
N GLU B 65 4.28 -15.76 16.27
CA GLU B 65 3.01 -15.13 16.56
C GLU B 65 1.90 -16.08 16.96
N GLU B 66 1.53 -17.05 16.12
CA GLU B 66 0.35 -17.81 16.54
C GLU B 66 0.72 -18.87 17.57
N LEU B 67 1.90 -19.45 17.43
CA LEU B 67 2.33 -20.53 18.32
C LEU B 67 2.79 -19.99 19.67
N GLY B 68 3.55 -18.89 19.67
CA GLY B 68 4.04 -18.36 20.92
C GLY B 68 5.51 -18.70 21.14
N VAL B 69 5.87 -19.16 22.35
CA VAL B 69 7.27 -19.30 22.69
C VAL B 69 7.72 -20.72 22.94
N ILE B 70 7.93 -21.50 21.87
CA ILE B 70 8.59 -22.79 22.02
C ILE B 70 10.01 -22.56 22.51
N ASP B 71 10.38 -23.01 23.70
CA ASP B 71 11.73 -22.69 24.20
C ASP B 71 12.62 -23.90 24.42
N ASN B 72 13.85 -23.83 23.91
CA ASN B 72 14.75 -24.96 24.05
C ASN B 72 16.09 -24.64 24.70
N SER B 73 16.11 -23.60 25.52
CA SER B 73 17.21 -23.19 26.39
C SER B 73 18.45 -22.75 25.65
N SER B 74 18.47 -22.87 24.33
CA SER B 74 19.63 -22.47 23.54
C SER B 74 19.90 -20.97 23.67
N GLU B 75 21.06 -20.54 23.19
CA GLU B 75 21.35 -19.10 23.23
C GLU B 75 21.04 -18.50 21.85
N TRP B 76 20.30 -19.29 21.08
CA TRP B 76 19.88 -18.94 19.73
C TRP B 76 18.36 -18.90 19.60
N THR B 77 17.81 -17.70 19.75
CA THR B 77 16.37 -17.48 19.60
C THR B 77 16.01 -17.13 18.16
N VAL B 78 14.88 -17.65 17.68
CA VAL B 78 14.41 -17.39 16.33
C VAL B 78 13.04 -16.72 16.36
N VAL B 79 12.94 -15.50 15.85
CA VAL B 79 11.64 -14.83 15.94
C VAL B 79 11.02 -14.56 14.57
N ILE B 80 9.79 -15.03 14.39
CA ILE B 80 9.15 -14.98 13.08
C ILE B 80 7.68 -14.56 13.08
N ASP B 81 7.36 -13.71 12.11
CA ASP B 81 5.96 -13.42 11.79
C ASP B 81 5.59 -14.18 10.51
N PRO B 82 4.79 -15.24 10.62
CA PRO B 82 4.51 -16.10 9.45
C PRO B 82 3.94 -15.27 8.30
N ILE B 83 3.03 -14.37 8.64
CA ILE B 83 2.62 -13.35 7.69
C ILE B 83 2.40 -12.05 8.46
N ASP B 84 3.17 -11.02 8.12
CA ASP B 84 2.96 -9.75 8.83
C ASP B 84 1.88 -9.02 8.05
N GLY B 85 0.67 -9.04 8.59
CA GLY B 85 -0.43 -8.36 7.92
C GLY B 85 -1.43 -9.33 7.30
N SER B 86 -1.87 -10.30 8.08
CA SER B 86 -2.91 -11.26 7.73
C SER B 86 -4.04 -10.60 6.95
N PHE B 87 -4.48 -9.46 7.51
CA PHE B 87 -5.59 -8.70 6.96
C PHE B 87 -5.39 -8.42 5.47
N ASN B 88 -4.55 -7.43 5.17
CA ASN B 88 -4.16 -7.04 3.84
C ASN B 88 -4.04 -8.26 2.94
N PHE B 89 -3.33 -9.25 3.46
CA PHE B 89 -3.12 -10.49 2.70
C PHE B 89 -4.42 -11.10 2.23
N ILE B 90 -5.26 -11.51 3.19
CA ILE B 90 -6.50 -12.18 2.80
C ILE B 90 -7.50 -11.23 2.17
N ASN B 91 -7.37 -9.91 2.32
CA ASN B 91 -8.30 -9.03 1.62
C ASN B 91 -7.70 -8.43 0.35
N GLY B 92 -6.64 -9.02 -0.20
CA GLY B 92 -6.14 -8.55 -1.48
C GLY B 92 -5.50 -7.18 -1.42
N ILE B 93 -4.93 -6.83 -0.28
CA ILE B 93 -4.07 -5.66 -0.18
C ILE B 93 -2.62 -6.12 -0.38
N PRO B 94 -1.95 -5.64 -1.43
CA PRO B 94 -0.62 -6.17 -1.76
C PRO B 94 0.46 -5.63 -0.82
N PHE B 95 0.23 -5.76 0.48
CA PHE B 95 1.16 -5.30 1.50
C PHE B 95 1.28 -6.26 2.67
N PHE B 96 2.09 -7.31 2.49
CA PHE B 96 2.38 -8.26 3.57
C PHE B 96 3.86 -8.63 3.52
N ALA B 97 4.31 -9.50 4.44
CA ALA B 97 5.72 -9.89 4.41
C ALA B 97 6.04 -10.94 5.45
N PHE B 98 7.07 -11.73 5.20
CA PHE B 98 7.61 -12.75 6.07
C PHE B 98 8.72 -12.19 6.96
N CYS B 99 8.70 -12.54 8.24
CA CYS B 99 9.70 -11.99 9.16
C CYS B 99 10.51 -13.09 9.84
N PHE B 100 11.81 -13.07 9.58
CA PHE B 100 12.79 -14.00 10.13
C PHE B 100 13.90 -13.24 10.84
N GLY B 101 13.85 -13.20 12.16
CA GLY B 101 14.86 -12.55 12.96
C GLY B 101 15.61 -13.53 13.84
N VAL B 102 16.91 -13.30 14.04
CA VAL B 102 17.71 -14.14 14.91
C VAL B 102 18.69 -13.31 15.74
N PHE B 103 18.67 -13.56 17.04
CA PHE B 103 19.51 -12.94 18.04
C PHE B 103 20.28 -13.98 18.87
N LYS B 104 21.54 -13.70 19.15
CA LYS B 104 22.35 -14.59 19.98
C LYS B 104 22.51 -13.94 21.36
N ASN B 105 22.17 -14.68 22.40
CA ASN B 105 22.22 -14.14 23.76
C ASN B 105 21.47 -12.81 23.80
N ASN B 106 20.23 -12.86 23.32
CA ASN B 106 19.36 -11.70 23.34
C ASN B 106 19.98 -10.50 22.62
N GLU B 107 20.74 -10.76 21.56
CA GLU B 107 21.32 -9.65 20.81
C GLU B 107 21.35 -9.96 19.31
N PRO B 108 20.96 -8.96 18.51
CA PRO B 108 20.78 -9.09 17.08
C PRO B 108 21.93 -9.79 16.36
N TYR B 109 21.55 -10.66 15.43
CA TYR B 109 22.49 -11.38 14.59
C TYR B 109 22.09 -11.27 13.12
N TYR B 110 21.01 -11.96 12.73
CA TYR B 110 20.52 -11.87 11.37
C TYR B 110 19.00 -11.61 11.35
N GLY B 111 18.62 -10.64 10.54
CA GLY B 111 17.22 -10.33 10.32
C GLY B 111 16.84 -10.37 8.85
N LEU B 112 15.72 -11.02 8.56
CA LEU B 112 15.18 -11.08 7.23
C LEU B 112 13.69 -10.68 7.19
N THR B 113 13.34 -10.01 6.11
CA THR B 113 11.96 -9.60 5.88
C THR B 113 11.62 -9.83 4.42
N TYR B 114 10.85 -10.87 4.13
CA TYR B 114 10.45 -11.11 2.75
C TYR B 114 9.08 -10.51 2.45
N GLU B 115 9.05 -9.70 1.39
CA GLU B 115 7.79 -9.15 0.88
C GLU B 115 7.54 -9.82 -0.46
N PHE B 116 6.59 -10.75 -0.44
CA PHE B 116 6.38 -11.64 -1.56
C PHE B 116 5.95 -10.89 -2.83
N LEU B 117 5.01 -9.95 -2.73
CA LEU B 117 4.50 -9.28 -3.92
C LEU B 117 5.61 -8.65 -4.76
N THR B 118 6.41 -7.81 -4.11
CA THR B 118 7.52 -7.14 -4.75
C THR B 118 8.71 -8.07 -4.97
N LYS B 119 8.68 -9.25 -4.36
CA LYS B 119 9.78 -10.19 -4.51
C LYS B 119 11.09 -9.69 -3.91
N SER B 120 11.05 -8.60 -3.17
CA SER B 120 12.18 -8.01 -2.48
C SER B 120 12.57 -8.81 -1.24
N PHE B 121 13.85 -8.95 -1.01
CA PHE B 121 14.48 -9.63 0.12
C PHE B 121 15.12 -8.63 1.07
N TYR B 122 14.52 -8.33 2.22
CA TYR B 122 15.20 -7.39 3.10
C TYR B 122 15.96 -8.15 4.18
N GLU B 123 17.28 -8.04 4.14
CA GLU B 123 18.12 -8.69 5.12
C GLU B 123 19.27 -7.80 5.60
N ALA B 124 19.79 -8.18 6.76
CA ALA B 124 20.89 -7.49 7.40
C ALA B 124 21.53 -8.40 8.44
N TYR B 125 22.87 -8.40 8.47
CA TYR B 125 23.61 -9.08 9.53
C TYR B 125 24.08 -7.99 10.50
N LYS B 126 24.36 -8.31 11.75
CA LYS B 126 24.75 -7.21 12.64
C LYS B 126 26.13 -6.69 12.26
N GLY B 127 26.21 -5.39 11.98
CA GLY B 127 27.44 -4.72 11.63
C GLY B 127 27.86 -4.84 10.19
N LYS B 128 27.34 -5.82 9.47
CA LYS B 128 27.75 -6.07 8.09
C LYS B 128 26.97 -5.25 7.08
N GLY B 129 25.87 -4.59 7.47
CA GLY B 129 25.14 -3.76 6.54
C GLY B 129 23.81 -4.32 6.08
N ALA B 130 22.94 -3.45 5.57
CA ALA B 130 21.61 -3.86 5.13
C ALA B 130 21.40 -3.63 3.63
N TYR B 131 20.98 -4.68 2.95
CA TYR B 131 20.74 -4.62 1.51
C TYR B 131 19.34 -5.11 1.13
N LEU B 132 19.01 -4.91 -0.14
CA LEU B 132 17.83 -5.37 -0.83
C LEU B 132 18.20 -6.18 -2.08
N ASN B 133 18.12 -7.49 -1.97
CA ASN B 133 18.52 -8.38 -3.06
C ASN B 133 19.92 -8.01 -3.56
N GLY B 134 20.86 -7.90 -2.62
CA GLY B 134 22.22 -7.49 -2.95
C GLY B 134 22.43 -6.01 -2.73
N ARG B 135 21.92 -5.17 -3.62
CA ARG B 135 22.13 -3.73 -3.59
C ARG B 135 21.86 -3.15 -2.21
N LYS B 136 22.91 -2.59 -1.63
CA LYS B 136 22.94 -1.99 -0.31
C LYS B 136 21.87 -0.91 -0.16
N ILE B 137 20.86 -1.16 0.66
CA ILE B 137 19.86 -0.11 0.91
C ILE B 137 20.18 0.60 2.23
N LYS B 138 19.93 1.90 2.28
CA LYS B 138 20.25 2.73 3.43
C LYS B 138 19.18 3.78 3.68
N VAL B 139 19.01 4.20 4.93
CA VAL B 139 17.96 5.15 5.29
C VAL B 139 17.95 6.39 4.42
N LYS B 140 17.09 7.35 4.75
CA LYS B 140 16.92 8.52 3.89
C LYS B 140 17.97 9.59 4.18
N ASP B 141 17.46 10.69 4.71
CA ASP B 141 18.17 11.88 5.12
C ASP B 141 17.15 13.02 5.18
N PHE B 142 16.99 13.60 6.36
CA PHE B 142 15.90 14.52 6.62
C PHE B 142 15.77 15.65 5.59
N ASN B 143 14.52 15.86 5.21
CA ASN B 143 14.03 16.93 4.37
C ASN B 143 12.83 17.58 5.08
N PRO B 144 12.95 18.88 5.32
CA PRO B 144 11.96 19.60 6.11
C PRO B 144 10.61 19.69 5.40
N ASN B 145 10.61 19.60 4.07
CA ASN B 145 9.35 19.65 3.34
C ASN B 145 8.80 18.24 3.12
N ASN B 146 9.51 17.49 2.30
CA ASN B 146 9.21 16.16 1.82
C ASN B 146 9.10 15.11 2.91
N ILE B 147 8.49 15.41 4.05
CA ILE B 147 8.33 14.37 5.06
C ILE B 147 7.27 13.38 4.62
N VAL B 148 7.61 12.10 4.58
CA VAL B 148 6.62 11.10 4.13
C VAL B 148 6.40 10.05 5.19
N ILE B 149 5.67 10.37 6.25
CA ILE B 149 5.49 9.35 7.28
C ILE B 149 4.22 8.52 7.06
N SER B 150 4.21 7.43 7.80
CA SER B 150 3.11 6.50 8.00
C SER B 150 2.83 6.43 9.49
N TYR B 151 1.63 6.13 9.98
CA TYR B 151 1.47 6.13 11.44
C TYR B 151 0.24 5.42 11.94
N TYR B 152 0.35 4.95 13.18
CA TYR B 152 -0.72 4.33 13.94
C TYR B 152 -0.75 4.89 15.36
N PRO B 153 -1.39 6.05 15.51
CA PRO B 153 -1.38 6.81 16.76
C PRO B 153 -2.59 6.59 17.66
N SER B 154 -2.52 7.25 18.81
CA SER B 154 -3.47 7.31 19.88
C SER B 154 -4.34 8.57 19.86
N LYS B 155 -5.46 8.49 20.55
CA LYS B 155 -6.41 9.58 20.74
C LYS B 155 -5.67 10.87 21.05
N LYS B 156 -4.89 10.83 22.13
CA LYS B 156 -4.09 11.95 22.60
C LYS B 156 -3.27 12.54 21.46
N ILE B 157 -2.83 11.68 20.55
CA ILE B 157 -1.98 12.15 19.45
C ILE B 157 -2.68 13.24 18.66
N ASP B 158 -2.22 14.49 18.82
CA ASP B 158 -2.78 15.56 17.99
C ASP B 158 -2.62 15.20 16.52
N LEU B 159 -3.70 15.26 15.75
CA LEU B 159 -3.66 14.81 14.36
C LEU B 159 -3.55 15.96 13.37
N GLU B 160 -4.27 17.05 13.57
CA GLU B 160 -4.12 18.15 12.61
C GLU B 160 -2.68 18.67 12.65
N LYS B 161 -2.11 18.62 13.85
CA LYS B 161 -0.74 19.03 14.13
C LYS B 161 0.25 18.21 13.30
N LEU B 162 0.09 16.90 13.40
CA LEU B 162 0.98 15.98 12.67
C LEU B 162 0.89 16.23 11.17
N ARG B 163 -0.33 16.18 10.64
CA ARG B 163 -0.55 16.34 9.21
C ARG B 163 -0.12 17.70 8.68
N ASN B 164 0.15 18.65 9.57
CA ASN B 164 0.62 19.98 9.25
C ASN B 164 2.10 19.99 8.88
N LYS B 165 2.78 18.91 9.22
CA LYS B 165 4.22 18.84 9.01
C LYS B 165 4.63 17.79 7.99
N VAL B 166 3.99 16.63 8.02
CA VAL B 166 4.26 15.55 7.07
C VAL B 166 3.73 15.90 5.68
N LYS B 167 4.62 15.98 4.70
CA LYS B 167 4.23 16.33 3.34
C LYS B 167 3.61 15.15 2.61
N ARG B 168 3.73 13.93 3.12
CA ARG B 168 3.07 12.81 2.46
C ARG B 168 2.64 11.73 3.45
N VAL B 169 1.34 11.44 3.51
CA VAL B 169 0.92 10.35 4.39
C VAL B 169 0.64 9.06 3.61
N ARG B 170 1.01 7.96 4.22
CA ARG B 170 0.76 6.60 3.81
C ARG B 170 0.52 5.76 5.07
N ILE B 171 -0.22 4.67 4.98
CA ILE B 171 -0.49 3.76 6.09
C ILE B 171 -0.84 2.39 5.54
N PHE B 172 0.16 1.55 5.30
CA PHE B 172 -0.08 0.34 4.50
C PHE B 172 -0.60 -0.83 5.30
N GLY B 173 -0.73 -0.73 6.62
CA GLY B 173 -1.32 -1.84 7.36
C GLY B 173 -0.39 -2.98 7.68
N ALA B 174 0.93 -2.79 7.68
CA ALA B 174 1.83 -3.85 8.13
C ALA B 174 3.16 -3.26 8.59
N PHE B 175 3.13 -2.73 9.81
CA PHE B 175 4.23 -2.07 10.50
C PHE B 175 5.56 -2.79 10.29
N GLY B 176 5.52 -4.12 10.36
CA GLY B 176 6.72 -4.91 10.11
C GLY B 176 7.34 -4.54 8.76
N LEU B 177 6.65 -4.89 7.68
CA LEU B 177 7.10 -4.57 6.33
C LEU B 177 7.31 -3.07 6.14
N GLU B 178 6.62 -2.27 6.95
CA GLU B 178 6.74 -0.82 6.75
C GLU B 178 8.11 -0.33 7.19
N MET B 179 8.58 -0.87 8.31
CA MET B 179 9.90 -0.51 8.81
C MET B 179 10.96 -0.62 7.72
N CYS B 180 10.96 -1.74 7.00
CA CYS B 180 11.90 -1.87 5.90
C CYS B 180 11.71 -0.74 4.90
N TYR B 181 10.50 -0.19 4.80
CA TYR B 181 10.33 0.93 3.87
C TYR B 181 11.13 2.13 4.38
N VAL B 182 11.40 2.14 5.69
CA VAL B 182 12.33 3.08 6.29
C VAL B 182 13.75 2.59 5.99
N ALA B 183 13.85 1.27 5.89
CA ALA B 183 15.13 0.70 5.48
C ALA B 183 15.49 1.30 4.13
N LYS B 184 14.88 0.81 3.06
CA LYS B 184 15.18 1.21 1.70
C LYS B 184 15.20 2.73 1.48
N GLY B 185 14.57 3.51 2.34
CA GLY B 185 14.67 4.96 2.26
C GLY B 185 13.44 5.64 1.72
N THR B 186 12.29 4.97 1.76
CA THR B 186 11.06 5.53 1.21
C THR B 186 10.38 6.43 2.23
N LEU B 187 10.15 5.89 3.43
CA LEU B 187 9.44 6.62 4.47
C LEU B 187 10.36 7.37 5.41
N ASP B 188 9.96 8.58 5.81
CA ASP B 188 10.76 9.37 6.74
C ASP B 188 10.51 8.94 8.19
N ALA B 189 9.52 8.09 8.42
CA ALA B 189 9.21 7.63 9.78
C ALA B 189 7.99 6.71 9.80
N VAL B 190 7.61 6.28 10.99
CA VAL B 190 6.49 5.36 11.14
C VAL B 190 6.27 4.90 12.58
N PHE B 191 5.13 5.22 13.18
CA PHE B 191 4.94 4.82 14.57
C PHE B 191 3.61 4.09 14.82
N ASP B 192 3.46 3.71 16.07
CA ASP B 192 2.37 3.01 16.73
C ASP B 192 2.46 3.28 18.24
N VAL B 193 1.77 4.30 18.70
CA VAL B 193 1.71 4.72 20.09
C VAL B 193 0.49 4.11 20.79
N ARG B 194 -0.24 3.33 20.03
CA ARG B 194 -1.38 2.54 20.48
C ARG B 194 -0.98 1.08 20.58
N PRO B 195 -0.24 0.78 21.65
CA PRO B 195 0.57 -0.42 21.81
C PRO B 195 -0.09 -1.69 21.27
N LYS B 196 0.09 -1.95 19.98
CA LYS B 196 -0.45 -3.18 19.40
C LYS B 196 0.68 -3.98 18.74
N VAL B 197 1.63 -3.24 18.18
CA VAL B 197 2.80 -3.85 17.56
C VAL B 197 3.59 -4.66 18.58
N ARG B 198 3.97 -5.89 18.22
CA ARG B 198 4.64 -6.74 19.20
C ARG B 198 6.07 -7.09 18.78
N ALA B 199 6.64 -8.00 19.58
CA ALA B 199 8.00 -8.45 19.31
C ALA B 199 8.04 -9.01 17.88
N VAL B 200 7.24 -10.04 17.69
CA VAL B 200 7.14 -10.83 16.47
C VAL B 200 6.93 -9.97 15.23
N ASP B 201 6.28 -8.82 15.36
CA ASP B 201 6.07 -8.00 14.16
C ASP B 201 7.32 -7.22 13.76
N ILE B 202 8.09 -6.72 14.72
CA ILE B 202 9.21 -5.84 14.45
C ILE B 202 10.58 -6.41 14.75
N ALA B 203 10.69 -7.68 15.12
CA ALA B 203 12.02 -8.20 15.43
C ALA B 203 12.92 -8.19 14.19
N SER B 204 12.67 -9.12 13.28
CA SER B 204 13.45 -9.32 12.06
C SER B 204 13.82 -8.01 11.37
N SER B 205 12.90 -7.05 11.34
CA SER B 205 13.22 -5.81 10.66
C SER B 205 13.95 -4.85 11.60
N TYR B 206 13.82 -5.08 12.90
CA TYR B 206 14.53 -4.29 13.89
C TYR B 206 16.02 -4.22 13.57
N ILE B 207 16.58 -5.39 13.34
CA ILE B 207 17.96 -5.68 13.01
C ILE B 207 18.46 -4.99 11.75
N ILE B 208 17.51 -4.65 10.88
CA ILE B 208 17.83 -4.06 9.59
C ILE B 208 17.83 -2.55 9.61
N CYS B 209 16.86 -1.91 10.26
CA CYS B 209 16.89 -0.45 10.24
C CYS B 209 18.04 0.04 11.11
N LYS B 210 18.25 -0.75 12.17
CA LYS B 210 19.41 -0.57 13.05
C LYS B 210 20.65 -0.56 12.15
N GLU B 211 20.90 -1.68 11.50
CA GLU B 211 21.98 -1.92 10.56
C GLU B 211 21.90 -1.09 9.28
N ALA B 212 21.21 0.04 9.28
CA ALA B 212 20.96 0.84 8.09
C ALA B 212 20.68 2.29 8.40
N GLY B 213 20.91 2.73 9.64
CA GLY B 213 20.88 4.13 9.98
C GLY B 213 19.64 4.64 10.63
N ALA B 214 18.59 3.81 10.79
CA ALA B 214 17.40 4.39 11.42
C ALA B 214 17.57 4.44 12.93
N LEU B 215 16.85 5.34 13.58
CA LEU B 215 16.78 5.31 15.03
C LEU B 215 15.53 4.56 15.47
N ILE B 216 15.58 3.92 16.62
CA ILE B 216 14.38 3.22 17.11
C ILE B 216 14.17 3.51 18.58
N THR B 217 12.99 4.02 18.88
CA THR B 217 12.70 4.82 20.05
C THR B 217 11.38 4.55 20.72
N ASP B 218 11.34 4.22 22.02
CA ASP B 218 10.02 4.11 22.64
C ASP B 218 9.41 5.51 22.71
N GLU B 219 8.19 5.64 23.22
CA GLU B 219 7.47 6.90 23.08
C GLU B 219 8.24 8.06 23.70
N ASN B 220 9.06 7.73 24.70
CA ASN B 220 9.71 8.78 25.48
C ASN B 220 11.10 9.13 24.96
N GLY B 221 11.28 9.06 23.64
CA GLY B 221 12.56 9.36 23.04
C GLY B 221 13.62 8.33 23.34
N ASP B 222 13.32 7.29 24.12
CA ASP B 222 14.37 6.42 24.62
C ASP B 222 14.55 5.13 23.81
N GLU B 223 15.81 4.86 23.52
CA GLU B 223 16.28 3.72 22.75
C GLU B 223 15.54 2.45 23.13
N LEU B 224 14.58 2.12 22.29
CA LEU B 224 13.70 0.98 22.40
C LEU B 224 14.43 -0.31 22.75
N LYS B 225 13.91 -1.00 23.76
CA LYS B 225 14.50 -2.27 24.19
C LYS B 225 13.39 -3.29 24.46
N PHE B 226 13.14 -4.18 23.51
CA PHE B 226 12.03 -5.13 23.67
C PHE B 226 12.48 -6.48 24.21
N ASP B 227 11.51 -7.31 24.55
CA ASP B 227 11.72 -8.69 24.95
C ASP B 227 11.40 -9.62 23.79
N LEU B 228 11.66 -10.92 23.91
CA LEU B 228 11.40 -11.80 22.77
C LEU B 228 10.19 -12.69 23.06
N ASN B 229 9.00 -12.19 22.74
CA ASN B 229 7.80 -12.94 23.07
C ASN B 229 6.67 -12.71 22.06
N ALA B 230 5.65 -13.54 22.20
CA ALA B 230 4.40 -13.44 21.46
C ALA B 230 3.54 -12.30 22.02
N THR B 231 3.24 -12.40 23.30
CA THR B 231 2.48 -11.41 24.05
C THR B 231 3.16 -10.06 24.02
N ASP B 232 2.73 -9.15 24.90
CA ASP B 232 3.37 -7.86 25.07
C ASP B 232 3.20 -6.95 23.86
N ARG B 233 2.33 -5.96 23.98
CA ARG B 233 2.05 -5.03 22.89
C ARG B 233 2.75 -3.70 23.09
N LEU B 234 3.87 -3.47 22.41
CA LEU B 234 4.64 -2.26 22.74
C LEU B 234 4.43 -1.09 21.79
N ASN B 235 4.90 0.05 22.30
CA ASN B 235 4.98 1.27 21.52
C ASN B 235 6.25 1.19 20.67
N ILE B 236 6.47 2.16 19.79
CA ILE B 236 7.67 2.08 18.96
C ILE B 236 7.72 3.20 17.92
N ILE B 237 8.95 3.66 17.68
CA ILE B 237 9.20 4.74 16.75
C ILE B 237 10.38 4.39 15.85
N VAL B 238 10.09 4.14 14.58
CA VAL B 238 11.18 3.92 13.64
C VAL B 238 11.37 5.20 12.85
N ALA B 239 12.52 5.86 13.01
CA ALA B 239 12.66 7.18 12.42
C ALA B 239 13.90 7.35 11.56
N ASN B 240 13.68 8.14 10.52
CA ASN B 240 14.63 8.69 9.59
C ASN B 240 15.85 9.25 10.32
N SER B 241 15.55 10.03 11.36
CA SER B 241 16.58 10.81 12.05
C SER B 241 16.13 11.35 13.39
N LYS B 242 16.70 12.50 13.74
CA LYS B 242 16.41 13.17 15.00
C LYS B 242 15.50 14.38 14.77
N GLU B 243 15.79 15.17 13.75
CA GLU B 243 14.94 16.32 13.42
C GLU B 243 13.51 15.83 13.26
N MET B 244 13.41 14.66 12.66
CA MET B 244 12.18 13.89 12.51
C MET B 244 11.68 13.42 13.88
N LEU B 245 12.47 12.58 14.52
CA LEU B 245 12.21 12.03 15.85
C LEU B 245 11.69 13.11 16.78
N ASP B 246 12.37 14.25 16.70
CA ASP B 246 11.99 15.46 17.42
C ASP B 246 10.54 15.79 17.08
N ILE B 247 10.30 15.93 15.78
CA ILE B 247 8.96 16.16 15.27
C ILE B 247 7.96 15.19 15.89
N ILE B 248 8.14 13.90 15.61
CA ILE B 248 7.23 12.90 16.16
C ILE B 248 7.10 13.01 17.68
N LEU B 249 8.25 13.13 18.34
CA LEU B 249 8.33 13.12 19.80
C LEU B 249 7.61 14.29 20.44
N ASP B 250 7.21 15.28 19.65
CA ASP B 250 6.53 16.43 20.23
C ASP B 250 5.05 16.43 19.91
N LEU B 251 4.66 15.91 18.74
CA LEU B 251 3.23 15.89 18.40
C LEU B 251 2.46 15.13 19.47
N LEU B 252 2.98 13.94 19.81
CA LEU B 252 2.37 13.16 20.88
C LEU B 252 2.38 13.94 22.19
#